data_1YEE
#
_entry.id   1YEE
#
_cell.length_a   67.930
_cell.length_b   76.980
_cell.length_c   45.800
_cell.angle_alpha   90.00
_cell.angle_beta   94.68
_cell.angle_gamma   90.00
#
_symmetry.space_group_name_H-M   'P 1 21 1'
#
loop_
_entity.id
_entity.type
_entity.pdbx_description
1 polymer 'IGG2A FAB FRAGMENT (D2.5)'
2 polymer 'IGG2A FAB FRAGMENT (D2.5)'
3 non-polymer 4-NITRO-BENZYLPHOSPHONOBUTANOYL-GLYCINE
4 water water
#
loop_
_entity_poly.entity_id
_entity_poly.type
_entity_poly.pdbx_seq_one_letter_code
_entity_poly.pdbx_strand_id
1 'polypeptide(L)'
;DIVMTQSPLTLSVTIGQPASISCKSSQSLLYSNGKTYLSWLLQRPGQSPKRLIYLVSKLDSGVPDRFTGSGSGTDFTLKI
SRVEAADLGLYYCVQGTHFPYTFGGGTKLEILRADAAPTVSIFPPSSEQLTSGGASVVCFLNNFYPKDINVKWKIDGSER
QNGVLNSWTDQDSKDSTYSMSSTLTLTKDEYERHNSYTCEATHKTSTSPIVKSFNRNEC
;
L
2 'polypeptide(L)'
;EVKLQESGAELVRPGASVKLSCKTSGYIFTSYWIHWVKQRAAAGLEWIARIYPGTGSSYYNVKFKGKATLTADKSSSTAY
MQLSSLKSDDSAVYFCVRWGFIPVREDYVLDYWGQGTLVTVSSAKTTAPSVYPLAPVCGDTTGSSVTLGCLVKGYFPEPV
TLTWNSGSLSSGVHTFPAVLQSDLYTLSSSVTVTSSTWPSQSITCNVAHPASSTKVDKKIEP
;
H
#
# COMPACT_ATOMS: atom_id res chain seq x y z
N ASP A 1 -14.51 -23.68 -8.47
CA ASP A 1 -14.90 -22.52 -7.62
C ASP A 1 -15.63 -21.55 -8.50
N ILE A 2 -16.51 -20.74 -7.90
CA ILE A 2 -17.30 -19.71 -8.59
C ILE A 2 -16.40 -18.54 -8.95
N VAL A 3 -16.38 -18.14 -10.23
CA VAL A 3 -15.56 -16.99 -10.59
C VAL A 3 -16.43 -15.73 -10.47
N MET A 4 -15.89 -14.71 -9.82
CA MET A 4 -16.59 -13.44 -9.64
C MET A 4 -15.90 -12.41 -10.56
N THR A 5 -16.63 -11.89 -11.53
CA THR A 5 -16.08 -10.92 -12.46
C THR A 5 -16.58 -9.49 -12.23
N GLN A 6 -15.66 -8.57 -11.98
CA GLN A 6 -15.98 -7.17 -11.75
C GLN A 6 -15.62 -6.27 -12.95
N SER A 7 -16.45 -5.26 -13.19
CA SER A 7 -16.18 -4.29 -14.26
C SER A 7 -16.80 -2.94 -13.90
N PRO A 8 -16.11 -1.84 -14.24
CA PRO A 8 -14.81 -1.79 -14.91
C PRO A 8 -13.71 -2.12 -13.93
N LEU A 9 -12.52 -2.38 -14.47
CA LEU A 9 -11.36 -2.68 -13.65
C LEU A 9 -10.92 -1.43 -12.95
N THR A 10 -11.27 -0.29 -13.53
CA THR A 10 -10.87 0.97 -12.93
C THR A 10 -11.83 2.06 -13.40
N LEU A 11 -12.13 3.03 -12.56
CA LEU A 11 -13.00 4.10 -12.98
C LEU A 11 -12.57 5.41 -12.38
N SER A 12 -12.67 6.47 -13.17
CA SER A 12 -12.28 7.80 -12.71
C SER A 12 -13.54 8.61 -12.65
N VAL A 13 -13.92 9.07 -11.47
CA VAL A 13 -15.16 9.83 -11.33
C VAL A 13 -14.89 11.16 -10.70
N THR A 14 -15.65 12.19 -11.06
CA THR A 14 -15.42 13.47 -10.44
C THR A 14 -16.29 13.57 -9.19
N ILE A 15 -15.80 14.23 -8.16
CA ILE A 15 -16.54 14.39 -6.92
C ILE A 15 -17.90 15.03 -7.17
N GLY A 16 -18.93 14.49 -6.53
CA GLY A 16 -20.27 15.05 -6.72
C GLY A 16 -21.07 14.31 -7.75
N GLN A 17 -20.41 13.42 -8.51
CA GLN A 17 -21.10 12.67 -9.53
C GLN A 17 -21.34 11.24 -9.08
N PRO A 18 -22.27 10.53 -9.74
CA PRO A 18 -22.60 9.15 -9.41
C PRO A 18 -21.63 8.17 -10.07
N ALA A 19 -21.61 6.95 -9.54
CA ALA A 19 -20.75 5.88 -10.04
C ALA A 19 -21.45 4.55 -9.75
N SER A 20 -21.06 3.51 -10.48
CA SER A 20 -21.62 2.20 -10.26
C SER A 20 -20.64 1.15 -10.74
N ILE A 21 -20.56 0.08 -9.97
CA ILE A 21 -19.66 -1.03 -10.26
C ILE A 21 -20.52 -2.27 -10.42
N SER A 22 -20.06 -3.16 -11.28
CA SER A 22 -20.78 -4.36 -11.58
C SER A 22 -19.97 -5.59 -11.17
N CYS A 23 -20.69 -6.62 -10.75
CA CYS A 23 -20.09 -7.88 -10.33
C CYS A 23 -20.94 -9.04 -10.91
N LYS A 24 -20.29 -9.97 -11.58
CA LYS A 24 -21.00 -11.09 -12.22
C LYS A 24 -20.49 -12.42 -11.71
N SER A 25 -21.38 -13.31 -11.33
CA SER A 25 -20.91 -14.61 -10.87
C SER A 25 -21.09 -15.69 -11.94
N SER A 26 -20.23 -16.70 -11.88
CA SER A 26 -20.29 -17.81 -12.81
C SER A 26 -21.49 -18.70 -12.52
N GLN A 27 -22.09 -18.56 -11.34
CA GLN A 27 -23.24 -19.38 -10.98
C GLN A 27 -24.13 -18.55 -10.12
N SER A 28 -25.41 -18.88 -10.10
CA SER A 28 -26.39 -18.17 -9.30
C SER A 28 -25.93 -18.17 -7.86
N LEU A 29 -26.15 -17.06 -7.15
CA LEU A 29 -25.79 -16.93 -5.75
C LEU A 29 -27.02 -17.14 -4.86
N LEU A 30 -28.13 -17.52 -5.47
CA LEU A 30 -29.36 -17.77 -4.70
C LEU A 30 -29.19 -19.09 -3.94
N TYR A 31 -29.27 -18.99 -2.62
CA TYR A 31 -29.13 -20.14 -1.74
C TYR A 31 -30.51 -20.79 -1.57
N SER A 32 -30.52 -22.04 -1.14
CA SER A 32 -31.79 -22.78 -0.94
C SER A 32 -32.71 -22.29 0.18
N ASN A 33 -32.22 -21.37 1.00
CA ASN A 33 -33.00 -20.80 2.09
C ASN A 33 -33.56 -19.45 1.63
N GLY A 34 -33.37 -19.16 0.35
CA GLY A 34 -33.86 -17.93 -0.23
C GLY A 34 -33.00 -16.69 -0.05
N LYS A 35 -31.78 -16.87 0.44
CA LYS A 35 -30.86 -15.77 0.67
C LYS A 35 -29.76 -15.85 -0.34
N THR A 36 -29.22 -14.69 -0.69
CA THR A 36 -28.15 -14.53 -1.64
C THR A 36 -27.01 -13.87 -0.90
N TYR A 37 -25.95 -14.62 -0.63
CA TYR A 37 -24.84 -14.10 0.14
C TYR A 37 -23.81 -13.40 -0.72
N LEU A 38 -24.07 -12.13 -1.04
CA LEU A 38 -23.14 -11.34 -1.83
C LEU A 38 -22.88 -10.07 -1.02
N SER A 39 -21.61 -9.80 -0.76
CA SER A 39 -21.21 -8.64 0.02
C SER A 39 -20.26 -7.77 -0.81
N TRP A 40 -20.14 -6.50 -0.40
CA TRP A 40 -19.26 -5.54 -1.04
C TRP A 40 -18.28 -4.98 0.02
N LEU A 41 -17.00 -4.90 -0.32
CA LEU A 41 -15.96 -4.39 0.57
C LEU A 41 -15.28 -3.21 -0.08
N LEU A 42 -14.63 -2.38 0.73
CA LEU A 42 -13.87 -1.25 0.24
C LEU A 42 -12.56 -1.36 0.99
N GLN A 43 -11.45 -1.16 0.30
CA GLN A 43 -10.19 -1.17 0.98
C GLN A 43 -9.52 0.14 0.62
N ARG A 44 -9.45 1.06 1.57
CA ARG A 44 -8.81 2.33 1.32
C ARG A 44 -7.32 2.12 1.40
N PRO A 45 -6.56 2.95 0.65
CA PRO A 45 -5.08 2.92 0.57
C PRO A 45 -4.46 2.78 1.96
N GLY A 46 -3.67 1.73 2.12
CA GLY A 46 -3.03 1.50 3.40
C GLY A 46 -3.96 1.13 4.55
N GLN A 47 -5.03 0.38 4.25
CA GLN A 47 -5.97 -0.06 5.29
C GLN A 47 -6.43 -1.47 5.01
N SER A 48 -7.05 -2.10 6.01
CA SER A 48 -7.61 -3.45 5.86
C SER A 48 -8.94 -3.25 5.15
N PRO A 49 -9.44 -4.27 4.43
CA PRO A 49 -10.74 -4.07 3.75
C PRO A 49 -11.82 -3.87 4.84
N LYS A 50 -13.01 -3.49 4.42
CA LYS A 50 -14.10 -3.28 5.37
C LYS A 50 -15.35 -3.39 4.56
N ARG A 51 -16.27 -4.20 5.03
CA ARG A 51 -17.52 -4.42 4.33
C ARG A 51 -18.38 -3.17 4.38
N LEU A 52 -19.21 -3.02 3.36
CA LEU A 52 -20.09 -1.88 3.28
C LEU A 52 -21.48 -2.42 3.22
N ILE A 53 -21.60 -3.54 2.51
CA ILE A 53 -22.90 -4.15 2.23
C ILE A 53 -22.88 -5.66 2.33
N TYR A 54 -23.94 -6.21 2.91
CA TYR A 54 -24.10 -7.66 3.01
C TYR A 54 -25.52 -8.02 2.52
N LEU A 55 -25.69 -9.28 2.13
CA LEU A 55 -26.95 -9.82 1.62
C LEU A 55 -27.45 -8.98 0.48
N VAL A 56 -26.56 -8.65 -0.46
CA VAL A 56 -26.85 -7.89 -1.67
C VAL A 56 -27.18 -6.40 -1.48
N SER A 57 -27.91 -6.06 -0.45
CA SER A 57 -28.32 -4.69 -0.30
C SER A 57 -28.40 -4.16 1.10
N LYS A 58 -28.02 -4.95 2.10
CA LYS A 58 -28.08 -4.44 3.45
C LYS A 58 -26.77 -3.70 3.74
N LEU A 59 -26.90 -2.51 4.27
CA LEU A 59 -25.78 -1.67 4.59
C LEU A 59 -25.32 -1.88 6.04
N ASP A 60 -24.01 -1.91 6.25
CA ASP A 60 -23.46 -2.05 7.59
C ASP A 60 -23.61 -0.72 8.33
N SER A 61 -23.42 -0.77 9.65
CA SER A 61 -23.51 0.42 10.47
C SER A 61 -22.29 1.26 10.26
N GLY A 62 -22.45 2.56 10.44
CA GLY A 62 -21.33 3.47 10.28
C GLY A 62 -21.08 3.82 8.84
N VAL A 63 -21.89 3.26 7.94
CA VAL A 63 -21.75 3.50 6.51
C VAL A 63 -22.81 4.50 6.04
N PRO A 64 -22.37 5.58 5.34
CA PRO A 64 -23.32 6.60 4.83
C PRO A 64 -24.17 5.99 3.74
N ASP A 65 -25.44 6.36 3.65
CA ASP A 65 -26.28 5.76 2.64
C ASP A 65 -26.20 6.30 1.23
N ARG A 66 -24.99 6.68 0.81
CA ARG A 66 -24.76 7.13 -0.55
C ARG A 66 -24.58 5.85 -1.36
N PHE A 67 -24.28 4.76 -0.65
CA PHE A 67 -24.03 3.45 -1.23
C PHE A 67 -25.27 2.63 -1.20
N THR A 68 -25.61 2.05 -2.35
CA THR A 68 -26.76 1.14 -2.45
C THR A 68 -26.38 -0.07 -3.30
N GLY A 69 -26.91 -1.25 -3.00
CA GLY A 69 -26.56 -2.42 -3.78
C GLY A 69 -27.79 -3.10 -4.28
N SER A 70 -27.70 -3.76 -5.42
CA SER A 70 -28.87 -4.46 -5.92
C SER A 70 -28.44 -5.58 -6.85
N GLY A 71 -29.40 -6.34 -7.38
CA GLY A 71 -29.06 -7.43 -8.29
C GLY A 71 -29.67 -8.73 -7.82
N SER A 72 -29.44 -9.81 -8.56
CA SER A 72 -29.97 -11.11 -8.20
C SER A 72 -29.44 -12.19 -9.12
N GLY A 73 -29.48 -13.42 -8.66
CA GLY A 73 -28.99 -14.53 -9.46
C GLY A 73 -27.49 -14.44 -9.67
N THR A 74 -27.10 -13.87 -10.81
CA THR A 74 -25.68 -13.74 -11.16
C THR A 74 -25.23 -12.31 -11.39
N ASP A 75 -26.17 -11.37 -11.36
CA ASP A 75 -25.86 -9.96 -11.65
C ASP A 75 -26.06 -9.01 -10.49
N PHE A 76 -24.99 -8.29 -10.14
CA PHE A 76 -25.01 -7.38 -9.02
C PHE A 76 -24.32 -6.07 -9.35
N THR A 77 -24.75 -5.02 -8.65
CA THR A 77 -24.26 -3.67 -8.83
C THR A 77 -24.11 -2.90 -7.51
N LEU A 78 -23.04 -2.12 -7.42
CA LEU A 78 -22.85 -1.26 -6.28
C LEU A 78 -23.05 0.14 -6.91
N LYS A 79 -23.84 0.98 -6.27
CA LYS A 79 -24.06 2.31 -6.79
C LYS A 79 -23.76 3.35 -5.74
N ILE A 80 -23.00 4.38 -6.12
CA ILE A 80 -22.67 5.50 -5.24
C ILE A 80 -23.43 6.66 -5.84
N SER A 81 -24.41 7.18 -5.12
CA SER A 81 -25.22 8.29 -5.61
C SER A 81 -24.43 9.58 -5.85
N ARG A 82 -23.40 9.81 -5.03
CA ARG A 82 -22.56 10.99 -5.13
C ARG A 82 -21.17 10.66 -4.56
N VAL A 83 -20.17 10.65 -5.43
CA VAL A 83 -18.80 10.33 -5.04
C VAL A 83 -18.12 11.44 -4.22
N GLU A 84 -17.37 11.04 -3.19
CA GLU A 84 -16.64 11.96 -2.33
C GLU A 84 -15.18 11.55 -2.40
N ALA A 85 -14.29 12.45 -2.01
CA ALA A 85 -12.86 12.20 -2.05
C ALA A 85 -12.46 10.94 -1.28
N ALA A 86 -13.23 10.61 -0.25
CA ALA A 86 -13.04 9.46 0.66
C ALA A 86 -13.35 8.06 0.04
N ASP A 87 -14.01 8.08 -1.12
CA ASP A 87 -14.41 6.88 -1.82
C ASP A 87 -13.29 6.20 -2.57
N LEU A 88 -12.19 6.91 -2.67
CA LEU A 88 -10.97 6.44 -3.31
C LEU A 88 -10.55 5.05 -2.76
N GLY A 89 -10.19 4.14 -3.65
CA GLY A 89 -9.74 2.84 -3.21
C GLY A 89 -10.19 1.69 -4.08
N LEU A 90 -10.09 0.49 -3.53
CA LEU A 90 -10.48 -0.72 -4.23
C LEU A 90 -11.77 -1.31 -3.69
N TYR A 91 -12.67 -1.63 -4.62
CA TYR A 91 -13.95 -2.23 -4.28
C TYR A 91 -13.99 -3.70 -4.71
N TYR A 92 -14.52 -4.55 -3.82
CA TYR A 92 -14.67 -5.99 -4.07
C TYR A 92 -16.04 -6.55 -3.72
N CYS A 93 -16.49 -7.51 -4.52
CA CYS A 93 -17.72 -8.24 -4.24
C CYS A 93 -17.15 -9.65 -3.86
N VAL A 94 -17.84 -10.34 -2.96
CA VAL A 94 -17.43 -11.67 -2.48
C VAL A 94 -18.72 -12.46 -2.43
N GLN A 95 -18.65 -13.76 -2.67
CA GLN A 95 -19.84 -14.59 -2.56
C GLN A 95 -19.60 -15.67 -1.49
N GLY A 96 -20.62 -15.97 -0.72
CA GLY A 96 -20.49 -17.01 0.29
C GLY A 96 -21.54 -18.08 0.13
N THR A 97 -22.20 -18.11 -1.02
CA THR A 97 -23.24 -19.08 -1.28
C THR A 97 -22.59 -20.42 -1.63
N HIS A 98 -21.44 -20.35 -2.29
CA HIS A 98 -20.72 -21.57 -2.68
C HIS A 98 -19.38 -21.66 -1.93
N PHE A 99 -19.04 -22.85 -1.47
CA PHE A 99 -17.78 -23.07 -0.78
C PHE A 99 -16.79 -23.57 -1.84
N PRO A 100 -15.54 -23.03 -1.85
CA PRO A 100 -15.03 -22.02 -0.93
C PRO A 100 -15.49 -20.64 -1.36
N TYR A 101 -15.43 -19.70 -0.42
CA TYR A 101 -15.82 -18.33 -0.67
C TYR A 101 -14.84 -17.69 -1.65
N THR A 102 -15.37 -16.97 -2.64
CA THR A 102 -14.55 -16.33 -3.67
C THR A 102 -14.86 -14.85 -3.86
N PHE A 103 -13.79 -14.06 -4.02
CA PHE A 103 -13.80 -12.62 -4.22
C PHE A 103 -13.69 -12.22 -5.69
N GLY A 104 -14.21 -11.04 -6.01
CA GLY A 104 -14.08 -10.52 -7.36
C GLY A 104 -12.64 -10.01 -7.48
N GLY A 105 -12.25 -9.61 -8.69
CA GLY A 105 -10.89 -9.13 -8.92
C GLY A 105 -10.56 -7.75 -8.39
N GLY A 106 -11.59 -6.91 -8.22
CA GLY A 106 -11.36 -5.57 -7.72
C GLY A 106 -11.53 -4.49 -8.78
N THR A 107 -11.97 -3.32 -8.33
CA THR A 107 -12.20 -2.20 -9.21
C THR A 107 -11.61 -1.01 -8.49
N LYS A 108 -10.62 -0.36 -9.10
CA LYS A 108 -10.05 0.83 -8.46
C LYS A 108 -10.86 2.07 -8.82
N LEU A 109 -11.32 2.80 -7.81
CA LEU A 109 -12.03 4.02 -8.07
C LEU A 109 -11.03 5.14 -7.83
N GLU A 110 -10.80 5.96 -8.85
CA GLU A 110 -9.90 7.09 -8.69
C GLU A 110 -10.70 8.37 -8.91
N ILE A 111 -10.36 9.39 -8.18
CA ILE A 111 -11.03 10.69 -8.31
C ILE A 111 -10.47 11.47 -9.48
N LEU A 112 -11.35 11.92 -10.36
CA LEU A 112 -10.96 12.69 -11.52
C LEU A 112 -10.96 14.13 -11.09
N ARG A 113 -9.80 14.76 -11.10
CA ARG A 113 -9.69 16.15 -10.72
C ARG A 113 -9.07 16.94 -11.87
N ALA A 114 -9.01 18.26 -11.73
CA ALA A 114 -8.45 19.12 -12.76
C ALA A 114 -6.99 18.78 -12.94
N ASP A 115 -6.50 18.89 -14.17
CA ASP A 115 -5.11 18.62 -14.48
C ASP A 115 -4.21 19.50 -13.65
N ALA A 116 -3.13 18.90 -13.13
CA ALA A 116 -2.16 19.59 -12.29
C ALA A 116 -0.76 19.18 -12.71
N ALA A 117 0.06 20.17 -12.99
CA ALA A 117 1.44 19.95 -13.40
C ALA A 117 2.30 19.64 -12.19
N PRO A 118 3.31 18.77 -12.38
CA PRO A 118 4.23 18.35 -11.33
C PRO A 118 5.16 19.45 -10.87
N THR A 119 5.54 19.40 -9.61
CA THR A 119 6.53 20.35 -9.13
C THR A 119 7.73 19.40 -9.09
N VAL A 120 8.76 19.71 -9.87
CA VAL A 120 9.93 18.85 -10.00
C VAL A 120 11.13 19.39 -9.22
N SER A 121 11.83 18.50 -8.52
CA SER A 121 13.00 18.85 -7.72
C SER A 121 14.13 17.87 -7.99
N ILE A 122 15.36 18.36 -7.99
CA ILE A 122 16.50 17.53 -8.28
C ILE A 122 17.54 17.65 -7.16
N PHE A 123 18.18 16.51 -6.84
CA PHE A 123 19.19 16.46 -5.80
C PHE A 123 20.41 15.68 -6.24
N PRO A 124 21.60 16.24 -6.02
CA PRO A 124 22.88 15.62 -6.37
C PRO A 124 23.18 14.58 -5.26
N PRO A 125 24.23 13.77 -5.44
CA PRO A 125 24.54 12.78 -4.39
C PRO A 125 24.98 13.48 -3.11
N SER A 126 24.84 12.79 -1.97
CA SER A 126 25.27 13.33 -0.69
C SER A 126 26.75 12.96 -0.50
N SER A 127 27.50 13.83 0.16
CA SER A 127 28.92 13.60 0.45
C SER A 127 29.08 12.25 1.13
N GLU A 128 28.14 11.96 2.00
CA GLU A 128 28.11 10.71 2.74
C GLU A 128 28.07 9.50 1.81
N GLN A 129 27.26 9.58 0.76
CA GLN A 129 27.14 8.48 -0.18
C GLN A 129 28.38 8.36 -1.07
N LEU A 130 28.83 9.50 -1.57
CA LEU A 130 30.01 9.53 -2.42
C LEU A 130 31.17 8.90 -1.70
N THR A 131 31.24 9.17 -0.39
CA THR A 131 32.29 8.65 0.48
C THR A 131 32.30 7.12 0.48
N SER A 132 31.18 6.53 0.09
CA SER A 132 31.04 5.08 0.01
C SER A 132 31.25 4.60 -1.44
N GLY A 133 31.62 5.55 -2.30
CA GLY A 133 31.84 5.26 -3.70
C GLY A 133 30.61 5.15 -4.56
N GLY A 134 29.47 5.59 -4.04
CA GLY A 134 28.24 5.51 -4.82
C GLY A 134 27.70 6.91 -5.05
N ALA A 135 26.73 7.03 -5.95
CA ALA A 135 26.15 8.33 -6.21
C ALA A 135 24.74 8.18 -6.71
N SER A 136 23.75 8.65 -5.95
CA SER A 136 22.38 8.57 -6.40
C SER A 136 21.88 10.00 -6.68
N VAL A 137 21.28 10.20 -7.85
CA VAL A 137 20.75 11.48 -8.22
C VAL A 137 19.25 11.22 -8.10
N VAL A 138 18.57 12.08 -7.38
CA VAL A 138 17.16 11.89 -7.14
C VAL A 138 16.34 13.00 -7.73
N CYS A 139 15.19 12.62 -8.26
CA CYS A 139 14.29 13.60 -8.81
C CYS A 139 12.87 13.34 -8.25
N PHE A 140 12.26 14.33 -7.62
CA PHE A 140 10.90 14.17 -7.11
C PHE A 140 9.97 14.90 -8.07
N LEU A 141 8.81 14.30 -8.36
CA LEU A 141 7.78 14.88 -9.24
C LEU A 141 6.50 14.82 -8.40
N ASN A 142 6.23 15.90 -7.70
CA ASN A 142 5.12 15.93 -6.78
C ASN A 142 3.85 16.63 -7.18
N ASN A 143 2.74 16.15 -6.59
CA ASN A 143 1.39 16.70 -6.78
C ASN A 143 0.89 16.95 -8.21
N PHE A 144 0.88 15.90 -9.02
CA PHE A 144 0.42 16.02 -10.38
C PHE A 144 -0.83 15.17 -10.65
N TYR A 145 -1.50 15.45 -11.76
CA TYR A 145 -2.68 14.73 -12.19
C TYR A 145 -2.91 15.11 -13.65
N PRO A 146 -3.20 14.13 -14.53
CA PRO A 146 -3.36 12.69 -14.36
C PRO A 146 -2.08 11.98 -13.99
N LYS A 147 -2.23 10.72 -13.64
CA LYS A 147 -1.15 9.87 -13.19
C LYS A 147 -0.11 9.50 -14.26
N ASP A 148 -0.49 9.56 -15.51
CA ASP A 148 0.45 9.21 -16.57
C ASP A 148 1.51 10.32 -16.69
N ILE A 149 2.77 9.96 -16.54
CA ILE A 149 3.87 10.89 -16.62
C ILE A 149 5.09 10.11 -17.12
N ASN A 150 6.04 10.81 -17.74
CA ASN A 150 7.21 10.16 -18.25
C ASN A 150 8.45 10.97 -17.91
N VAL A 151 9.41 10.36 -17.24
CA VAL A 151 10.63 11.09 -16.92
C VAL A 151 11.85 10.46 -17.57
N LYS A 152 12.74 11.33 -18.05
CA LYS A 152 13.98 10.92 -18.69
C LYS A 152 15.19 11.53 -18.00
N TRP A 153 16.23 10.72 -17.88
CA TRP A 153 17.50 11.16 -17.29
C TRP A 153 18.45 11.40 -18.46
N LYS A 154 19.28 12.43 -18.31
CA LYS A 154 20.25 12.81 -19.32
C LYS A 154 21.49 13.24 -18.63
N ILE A 155 22.61 12.66 -19.03
CA ILE A 155 23.90 12.99 -18.46
C ILE A 155 24.65 13.66 -19.61
N ASP A 156 25.02 14.92 -19.44
CA ASP A 156 25.72 15.68 -20.47
C ASP A 156 24.98 15.62 -21.81
N GLY A 157 23.66 15.74 -21.74
CA GLY A 157 22.87 15.69 -22.93
C GLY A 157 22.43 14.32 -23.39
N SER A 158 23.10 13.24 -23.00
CA SER A 158 22.64 11.93 -23.46
C SER A 158 21.78 11.17 -22.46
N GLU A 159 20.79 10.48 -23.00
CA GLU A 159 19.82 9.72 -22.23
C GLU A 159 20.36 8.47 -21.56
N ARG A 160 20.17 8.38 -20.25
CA ARG A 160 20.61 7.21 -19.51
C ARG A 160 19.34 6.47 -19.13
N GLN A 161 19.28 5.18 -19.43
CA GLN A 161 18.10 4.41 -19.08
C GLN A 161 18.37 3.35 -18.04
N ASN A 162 19.62 2.93 -17.94
CA ASN A 162 19.99 1.91 -16.98
C ASN A 162 20.38 2.53 -15.63
N GLY A 163 19.86 1.94 -14.55
CA GLY A 163 20.17 2.46 -13.24
C GLY A 163 19.09 3.35 -12.67
N VAL A 164 17.90 3.29 -13.23
CA VAL A 164 16.78 4.11 -12.78
C VAL A 164 15.82 3.32 -11.87
N LEU A 165 15.43 3.93 -10.77
CA LEU A 165 14.53 3.31 -9.82
C LEU A 165 13.38 4.29 -9.60
N ASN A 166 12.20 3.93 -10.10
CA ASN A 166 11.02 4.76 -9.98
C ASN A 166 10.02 4.25 -8.96
N SER A 167 9.27 5.15 -8.37
CA SER A 167 8.27 4.75 -7.40
C SER A 167 7.16 5.79 -7.41
N TRP A 168 5.91 5.35 -7.47
CA TRP A 168 4.77 6.26 -7.48
C TRP A 168 3.98 6.01 -6.22
N THR A 169 3.36 7.05 -5.71
CA THR A 169 2.49 6.90 -4.57
C THR A 169 1.10 6.61 -5.16
N ASP A 170 0.15 6.29 -4.29
CA ASP A 170 -1.21 6.08 -4.74
C ASP A 170 -1.86 7.46 -4.67
N GLN A 171 -3.08 7.59 -5.20
CA GLN A 171 -3.75 8.86 -5.17
C GLN A 171 -3.98 9.34 -3.75
N ASP A 172 -3.59 10.57 -3.48
CA ASP A 172 -3.75 11.19 -2.17
C ASP A 172 -5.21 11.60 -2.02
N SER A 173 -5.87 11.18 -0.94
CA SER A 173 -7.27 11.55 -0.74
C SER A 173 -7.47 13.04 -0.46
N LYS A 174 -6.52 13.65 0.23
CA LYS A 174 -6.62 15.06 0.56
C LYS A 174 -6.72 15.98 -0.66
N ASP A 175 -5.92 15.73 -1.70
CA ASP A 175 -5.93 16.57 -2.92
C ASP A 175 -6.10 15.84 -4.28
N SER A 176 -6.28 14.53 -4.22
CA SER A 176 -6.46 13.71 -5.40
C SER A 176 -5.36 13.67 -6.46
N THR A 177 -4.14 14.05 -6.06
CA THR A 177 -2.97 14.02 -6.95
C THR A 177 -2.07 12.82 -6.64
N TYR A 178 -1.07 12.60 -7.50
CA TYR A 178 -0.11 11.52 -7.32
C TYR A 178 1.27 12.19 -7.24
N SER A 179 2.26 11.48 -6.72
CA SER A 179 3.62 11.97 -6.66
C SER A 179 4.52 10.84 -7.12
N MET A 180 5.73 11.17 -7.56
CA MET A 180 6.63 10.13 -8.02
C MET A 180 8.09 10.47 -7.74
N SER A 181 8.85 9.41 -7.51
CA SER A 181 10.26 9.52 -7.21
C SER A 181 10.99 8.73 -8.30
N SER A 182 12.14 9.26 -8.71
CA SER A 182 12.96 8.64 -9.73
C SER A 182 14.40 8.82 -9.25
N THR A 183 15.10 7.71 -8.99
CA THR A 183 16.49 7.75 -8.54
C THR A 183 17.38 7.09 -9.58
N LEU A 184 18.44 7.79 -9.97
CA LEU A 184 19.41 7.27 -10.94
C LEU A 184 20.72 7.01 -10.19
N THR A 185 21.10 5.74 -9.99
CA THR A 185 22.34 5.45 -9.27
C THR A 185 23.50 5.11 -10.19
N LEU A 186 24.68 5.65 -9.87
CA LEU A 186 25.91 5.44 -10.63
C LEU A 186 27.00 5.15 -9.63
N THR A 187 28.19 4.84 -10.15
CA THR A 187 29.33 4.63 -9.26
C THR A 187 29.86 6.06 -9.04
N LYS A 188 30.59 6.29 -7.95
CA LYS A 188 31.16 7.59 -7.66
C LYS A 188 32.05 8.08 -8.81
N ASP A 189 32.92 7.20 -9.32
CA ASP A 189 33.83 7.60 -10.39
C ASP A 189 33.19 7.89 -11.74
N GLU A 190 32.04 7.29 -12.00
CA GLU A 190 31.33 7.56 -13.24
C GLU A 190 30.61 8.91 -13.10
N TYR A 191 30.14 9.20 -11.89
CA TYR A 191 29.46 10.43 -11.57
C TYR A 191 30.40 11.61 -11.77
N GLU A 192 31.60 11.51 -11.23
CA GLU A 192 32.60 12.56 -11.33
C GLU A 192 33.14 12.75 -12.74
N ARG A 193 32.77 11.86 -13.64
CA ARG A 193 33.20 11.94 -15.02
C ARG A 193 32.28 12.82 -15.89
N HIS A 194 31.15 13.28 -15.35
CA HIS A 194 30.19 14.09 -16.10
C HIS A 194 29.90 15.46 -15.52
N ASN A 195 29.25 16.31 -16.31
CA ASN A 195 28.97 17.69 -15.90
C ASN A 195 27.54 18.04 -15.52
N SER A 196 26.58 17.79 -16.40
CA SER A 196 25.23 18.17 -16.09
C SER A 196 24.31 17.00 -15.98
N TYR A 197 23.38 17.11 -15.04
CA TYR A 197 22.42 16.05 -14.81
C TYR A 197 21.08 16.69 -14.99
N THR A 198 20.18 15.97 -15.62
CA THR A 198 18.90 16.48 -15.93
C THR A 198 17.80 15.47 -15.79
N CYS A 199 16.69 15.95 -15.31
CA CYS A 199 15.54 15.12 -15.11
C CYS A 199 14.49 15.82 -15.93
N GLU A 200 13.91 15.09 -16.89
CA GLU A 200 12.87 15.66 -17.75
C GLU A 200 11.53 14.94 -17.58
N ALA A 201 10.47 15.71 -17.39
CA ALA A 201 9.15 15.13 -17.25
C ALA A 201 8.22 15.59 -18.38
N THR A 202 7.62 14.61 -19.04
CA THR A 202 6.67 14.80 -20.12
C THR A 202 5.34 14.38 -19.48
N HIS A 203 4.35 15.25 -19.54
CA HIS A 203 3.07 15.03 -18.92
C HIS A 203 2.06 15.84 -19.73
N LYS A 204 0.80 15.43 -19.69
CA LYS A 204 -0.22 16.09 -20.49
C LYS A 204 -0.46 17.57 -20.20
N THR A 205 -0.01 18.04 -19.06
CA THR A 205 -0.21 19.44 -18.73
C THR A 205 0.65 20.42 -19.57
N SER A 206 1.42 19.91 -20.52
CA SER A 206 2.24 20.81 -21.33
C SER A 206 2.85 20.12 -22.55
N THR A 207 3.14 20.88 -23.59
CA THR A 207 3.75 20.29 -24.78
C THR A 207 5.27 20.32 -24.64
N SER A 208 5.78 21.28 -23.88
CA SER A 208 7.22 21.34 -23.64
C SER A 208 7.46 20.78 -22.20
N PRO A 209 8.24 19.70 -22.09
CA PRO A 209 8.62 18.98 -20.85
C PRO A 209 9.28 19.82 -19.77
N ILE A 210 9.00 19.47 -18.51
CA ILE A 210 9.59 20.19 -17.36
C ILE A 210 10.98 19.62 -17.23
N VAL A 211 11.94 20.50 -17.04
CA VAL A 211 13.31 20.08 -16.93
C VAL A 211 13.94 20.71 -15.69
N LYS A 212 14.46 19.86 -14.82
CA LYS A 212 15.17 20.33 -13.63
C LYS A 212 16.54 19.77 -13.90
N SER A 213 17.58 20.54 -13.61
CA SER A 213 18.92 20.10 -13.93
C SER A 213 19.93 20.78 -13.04
N PHE A 214 21.12 20.22 -12.93
CA PHE A 214 22.19 20.82 -12.13
C PHE A 214 23.50 20.48 -12.80
N ASN A 215 24.49 21.35 -12.63
CA ASN A 215 25.81 21.13 -13.19
C ASN A 215 26.70 20.87 -12.00
N ARG A 216 27.55 19.86 -12.10
CA ARG A 216 28.48 19.62 -11.04
C ARG A 216 29.73 20.27 -11.59
N ASN A 217 30.33 21.15 -10.83
CA ASN A 217 31.54 21.81 -11.30
C ASN A 217 32.63 21.64 -10.25
N GLU A 218 32.48 22.35 -9.14
CA GLU A 218 33.36 22.34 -7.96
C GLU A 218 32.72 23.36 -7.03
N CYS A 219 33.02 23.27 -5.74
CA CYS A 219 32.48 24.18 -4.73
C CYS A 219 30.97 23.97 -4.45
N GLU B 1 -14.80 -2.94 23.56
CA GLU B 1 -14.43 -2.41 22.20
C GLU B 1 -13.65 -3.51 21.47
N VAL B 2 -14.22 -4.02 20.39
CA VAL B 2 -13.58 -5.09 19.63
C VAL B 2 -12.27 -4.67 18.98
N LYS B 3 -11.22 -5.44 19.27
CA LYS B 3 -9.89 -5.21 18.74
C LYS B 3 -9.29 -6.59 18.41
N LEU B 4 -8.69 -6.69 17.22
CA LEU B 4 -8.03 -7.93 16.77
C LEU B 4 -6.58 -7.53 16.51
N GLN B 5 -5.71 -7.85 17.45
CA GLN B 5 -4.32 -7.49 17.32
C GLN B 5 -3.45 -8.61 16.76
N GLU B 6 -2.92 -8.38 15.56
CA GLU B 6 -2.08 -9.36 14.88
C GLU B 6 -0.60 -9.18 15.12
N SER B 7 0.12 -10.29 15.05
CA SER B 7 1.56 -10.32 15.26
C SER B 7 2.38 -9.50 14.24
N GLY B 8 3.64 -9.30 14.58
CA GLY B 8 4.52 -8.52 13.74
C GLY B 8 4.88 -9.20 12.44
N ALA B 9 5.39 -8.40 11.50
CA ALA B 9 5.81 -8.84 10.18
C ALA B 9 6.86 -9.91 10.37
N GLU B 10 6.87 -10.90 9.48
CA GLU B 10 7.79 -12.00 9.61
C GLU B 10 8.69 -12.18 8.42
N LEU B 11 9.93 -12.56 8.69
CA LEU B 11 10.90 -12.89 7.66
C LEU B 11 11.02 -14.39 7.92
N VAL B 12 10.70 -15.20 6.92
CA VAL B 12 10.75 -16.66 7.07
C VAL B 12 11.52 -17.25 5.90
N ARG B 13 12.22 -18.35 6.18
CA ARG B 13 12.99 -19.06 5.17
C ARG B 13 12.11 -20.09 4.45
N PRO B 14 12.38 -20.33 3.18
CA PRO B 14 11.59 -21.30 2.41
C PRO B 14 11.58 -22.69 3.06
N GLY B 15 10.46 -23.40 2.94
CA GLY B 15 10.36 -24.73 3.48
C GLY B 15 10.00 -24.69 4.94
N ALA B 16 10.27 -23.56 5.60
CA ALA B 16 9.95 -23.39 7.03
C ALA B 16 8.47 -23.19 7.30
N SER B 17 8.13 -22.99 8.57
CA SER B 17 6.75 -22.81 9.01
C SER B 17 6.61 -21.49 9.80
N VAL B 18 5.42 -20.89 9.78
CA VAL B 18 5.18 -19.69 10.58
C VAL B 18 3.87 -19.85 11.30
N LYS B 19 3.81 -19.28 12.49
CA LYS B 19 2.59 -19.35 13.28
C LYS B 19 2.18 -17.90 13.47
N LEU B 20 1.09 -17.52 12.82
CA LEU B 20 0.58 -16.15 12.93
C LEU B 20 -0.47 -16.07 14.00
N SER B 21 -0.41 -15.03 14.83
CA SER B 21 -1.41 -14.88 15.85
C SER B 21 -2.32 -13.67 15.68
N CYS B 22 -3.52 -13.84 16.21
CA CYS B 22 -4.60 -12.87 16.18
C CYS B 22 -5.22 -12.82 17.58
N LYS B 23 -4.74 -11.89 18.41
CA LYS B 23 -5.20 -11.73 19.77
C LYS B 23 -6.46 -10.88 19.70
N THR B 24 -7.54 -11.35 20.30
CA THR B 24 -8.82 -10.63 20.30
C THR B 24 -9.21 -10.04 21.65
N SER B 25 -10.07 -9.04 21.64
CA SER B 25 -10.54 -8.43 22.87
C SER B 25 -11.88 -7.73 22.64
N GLY B 26 -12.66 -7.57 23.71
CA GLY B 26 -13.90 -6.84 23.61
C GLY B 26 -15.20 -7.54 23.22
N TYR B 27 -15.19 -8.87 23.16
CA TYR B 27 -16.38 -9.66 22.83
C TYR B 27 -16.12 -11.08 23.33
N ILE B 28 -17.15 -11.92 23.43
CA ILE B 28 -16.97 -13.30 23.88
C ILE B 28 -16.34 -14.10 22.73
N PHE B 29 -15.05 -14.42 22.90
CA PHE B 29 -14.22 -15.14 21.91
C PHE B 29 -14.81 -16.41 21.33
N THR B 30 -15.33 -17.26 22.20
CA THR B 30 -15.89 -18.54 21.82
C THR B 30 -17.21 -18.47 21.05
N SER B 31 -17.80 -17.29 20.96
CA SER B 31 -19.08 -17.07 20.29
C SER B 31 -19.07 -16.75 18.80
N TYR B 32 -17.91 -16.39 18.25
CA TYR B 32 -17.86 -16.01 16.83
C TYR B 32 -16.79 -16.70 16.02
N TRP B 33 -17.06 -16.89 14.73
CA TRP B 33 -16.08 -17.48 13.80
C TRP B 33 -15.01 -16.44 13.45
N ILE B 34 -13.78 -16.90 13.36
CA ILE B 34 -12.65 -16.06 12.97
C ILE B 34 -12.26 -16.63 11.61
N HIS B 35 -12.08 -15.75 10.62
CA HIS B 35 -11.68 -16.13 9.27
C HIS B 35 -10.30 -15.62 8.97
N TRP B 36 -9.60 -16.29 8.06
CA TRP B 36 -8.27 -15.84 7.65
C TRP B 36 -8.32 -15.55 6.15
N VAL B 37 -7.84 -14.35 5.80
CA VAL B 37 -7.82 -13.87 4.42
C VAL B 37 -6.41 -13.48 3.97
N LYS B 38 -6.09 -13.80 2.73
CA LYS B 38 -4.79 -13.51 2.19
C LYS B 38 -4.84 -12.38 1.14
N GLN B 39 -3.87 -11.49 1.22
CA GLN B 39 -3.81 -10.45 0.22
C GLN B 39 -2.39 -10.35 -0.34
N ARG B 40 -2.24 -10.69 -1.62
CA ARG B 40 -0.93 -10.61 -2.25
C ARG B 40 -0.92 -9.33 -3.07
N ALA B 41 0.15 -8.54 -3.01
CA ALA B 41 0.26 -7.27 -3.76
C ALA B 41 -0.12 -7.50 -5.22
N ALA B 42 -1.42 -7.44 -5.45
CA ALA B 42 -2.04 -7.67 -6.74
C ALA B 42 -3.52 -7.45 -6.50
N ALA B 43 -3.84 -6.50 -5.61
CA ALA B 43 -5.24 -6.15 -5.29
C ALA B 43 -6.13 -7.39 -5.20
N GLY B 44 -5.56 -8.51 -4.79
CA GLY B 44 -6.34 -9.72 -4.72
C GLY B 44 -6.58 -10.21 -3.32
N LEU B 45 -7.81 -10.63 -3.04
CA LEU B 45 -8.18 -11.15 -1.74
C LEU B 45 -8.56 -12.61 -1.92
N GLU B 46 -8.10 -13.44 -0.99
CA GLU B 46 -8.39 -14.88 -1.03
C GLU B 46 -8.76 -15.43 0.30
N TRP B 47 -9.84 -16.20 0.34
CA TRP B 47 -10.32 -16.79 1.58
C TRP B 47 -9.63 -18.12 1.85
N ILE B 48 -9.00 -18.21 3.02
CA ILE B 48 -8.25 -19.39 3.43
C ILE B 48 -9.04 -20.37 4.28
N ALA B 49 -9.54 -19.92 5.42
CA ALA B 49 -10.28 -20.80 6.34
C ALA B 49 -10.91 -20.04 7.50
N ARG B 50 -11.77 -20.73 8.24
CA ARG B 50 -12.46 -20.19 9.40
C ARG B 50 -12.45 -21.20 10.54
N ILE B 51 -12.54 -20.70 11.77
CA ILE B 51 -12.53 -21.56 12.95
C ILE B 51 -13.52 -21.05 13.97
N TYR B 52 -14.22 -21.96 14.66
CA TYR B 52 -15.18 -21.59 15.72
C TYR B 52 -14.43 -21.92 17.00
N PRO B 53 -13.90 -20.91 17.69
CA PRO B 53 -13.13 -21.16 18.91
C PRO B 53 -13.87 -21.90 20.01
N GLY B 54 -15.19 -21.84 19.98
CA GLY B 54 -15.96 -22.52 20.99
C GLY B 54 -15.87 -24.04 20.91
N THR B 55 -15.66 -24.57 19.72
CA THR B 55 -15.60 -26.02 19.54
C THR B 55 -14.32 -26.47 18.87
N GLY B 56 -13.60 -25.51 18.28
CA GLY B 56 -12.39 -25.86 17.57
C GLY B 56 -12.73 -26.34 16.18
N SER B 57 -13.99 -26.25 15.78
CA SER B 57 -14.42 -26.66 14.45
C SER B 57 -13.83 -25.71 13.38
N SER B 58 -13.10 -26.27 12.43
CA SER B 58 -12.45 -25.50 11.37
C SER B 58 -12.86 -25.92 9.96
N TYR B 59 -12.90 -24.95 9.03
CA TYR B 59 -13.23 -25.19 7.61
C TYR B 59 -12.12 -24.64 6.75
N TYR B 60 -11.63 -25.41 5.78
CA TYR B 60 -10.53 -24.99 4.91
C TYR B 60 -10.84 -24.91 3.43
N ASN B 61 -10.25 -23.92 2.78
CA ASN B 61 -10.37 -23.77 1.33
C ASN B 61 -9.40 -24.89 0.87
N VAL B 62 -9.87 -25.77 0.00
CA VAL B 62 -9.00 -26.87 -0.44
C VAL B 62 -7.66 -26.42 -0.99
N LYS B 63 -7.58 -25.23 -1.59
CA LYS B 63 -6.29 -24.72 -2.09
C LYS B 63 -5.26 -24.66 -0.97
N PHE B 64 -5.72 -24.47 0.27
CA PHE B 64 -4.84 -24.36 1.42
C PHE B 64 -4.83 -25.55 2.37
N LYS B 65 -5.53 -26.62 2.03
CA LYS B 65 -5.56 -27.80 2.90
C LYS B 65 -4.12 -28.35 2.94
N GLY B 66 -3.56 -28.48 4.13
CA GLY B 66 -2.19 -28.98 4.25
C GLY B 66 -1.23 -27.86 4.57
N LYS B 67 -1.43 -26.74 3.88
CA LYS B 67 -0.65 -25.52 4.02
C LYS B 67 -0.98 -24.76 5.29
N ALA B 68 -2.27 -24.59 5.57
CA ALA B 68 -2.71 -23.85 6.74
C ALA B 68 -3.28 -24.74 7.82
N THR B 69 -3.16 -24.29 9.06
CA THR B 69 -3.71 -25.02 10.19
C THR B 69 -4.17 -24.00 11.22
N LEU B 70 -5.47 -23.96 11.45
CA LEU B 70 -6.00 -23.03 12.43
C LEU B 70 -6.09 -23.68 13.81
N THR B 71 -5.78 -22.91 14.85
CA THR B 71 -5.90 -23.34 16.24
C THR B 71 -6.40 -22.10 17.00
N ALA B 72 -6.95 -22.31 18.18
CA ALA B 72 -7.48 -21.22 18.98
C ALA B 72 -7.18 -21.49 20.46
N ASP B 73 -6.73 -20.47 21.18
CA ASP B 73 -6.47 -20.63 22.59
C ASP B 73 -7.54 -19.90 23.39
N LYS B 74 -8.51 -20.65 23.90
CA LYS B 74 -9.59 -20.08 24.67
C LYS B 74 -9.19 -19.27 25.89
N SER B 75 -8.11 -19.66 26.57
CA SER B 75 -7.69 -18.91 27.74
C SER B 75 -7.16 -17.50 27.41
N SER B 76 -6.32 -17.40 26.38
CA SER B 76 -5.77 -16.10 26.00
C SER B 76 -6.58 -15.37 24.92
N SER B 77 -7.66 -16.00 24.43
CA SER B 77 -8.51 -15.39 23.38
C SER B 77 -7.73 -15.06 22.11
N THR B 78 -6.83 -15.95 21.75
CA THR B 78 -5.97 -15.78 20.59
C THR B 78 -6.20 -16.88 19.59
N ALA B 79 -6.42 -16.51 18.34
CA ALA B 79 -6.58 -17.50 17.29
C ALA B 79 -5.23 -17.59 16.58
N TYR B 80 -4.96 -18.70 15.93
CA TYR B 80 -3.69 -18.87 15.25
C TYR B 80 -3.82 -19.53 13.89
N MET B 81 -2.88 -19.20 13.02
CA MET B 81 -2.81 -19.82 11.72
C MET B 81 -1.39 -20.21 11.44
N GLN B 82 -1.16 -21.49 11.24
CA GLN B 82 0.16 -21.97 10.92
C GLN B 82 0.23 -22.24 9.43
N LEU B 83 1.32 -21.74 8.83
CA LEU B 83 1.59 -21.91 7.41
C LEU B 83 2.89 -22.71 7.29
N SER B 84 2.85 -23.76 6.48
CA SER B 84 3.99 -24.65 6.29
C SER B 84 4.48 -24.70 4.86
N SER B 85 5.63 -25.34 4.67
CA SER B 85 6.22 -25.55 3.35
C SER B 85 6.24 -24.25 2.56
N LEU B 86 6.64 -23.18 3.23
CA LEU B 86 6.67 -21.88 2.62
C LEU B 86 7.61 -21.76 1.38
N LYS B 87 7.17 -20.94 0.43
CA LYS B 87 7.89 -20.65 -0.79
C LYS B 87 7.65 -19.16 -1.02
N SER B 88 8.45 -18.54 -1.90
CA SER B 88 8.33 -17.11 -2.18
C SER B 88 6.93 -16.58 -2.51
N ASP B 89 6.15 -17.34 -3.28
CA ASP B 89 4.78 -16.95 -3.61
C ASP B 89 3.82 -16.92 -2.39
N ASP B 90 4.29 -17.32 -1.20
CA ASP B 90 3.44 -17.27 -0.02
C ASP B 90 3.59 -15.93 0.70
N SER B 91 4.56 -15.13 0.23
CA SER B 91 4.81 -13.80 0.79
C SER B 91 3.56 -12.96 0.51
N ALA B 92 2.97 -12.40 1.55
CA ALA B 92 1.75 -11.61 1.39
C ALA B 92 1.36 -11.09 2.74
N VAL B 93 0.20 -10.46 2.82
CA VAL B 93 -0.33 -9.95 4.08
C VAL B 93 -1.56 -10.82 4.38
N TYR B 94 -1.55 -11.43 5.56
CA TYR B 94 -2.64 -12.29 6.04
C TYR B 94 -3.46 -11.60 7.13
N PHE B 95 -4.77 -11.58 6.93
CA PHE B 95 -5.68 -10.96 7.88
C PHE B 95 -6.53 -11.99 8.66
N CYS B 96 -6.80 -11.67 9.91
CA CYS B 96 -7.71 -12.47 10.70
C CYS B 96 -8.91 -11.48 10.72
N VAL B 97 -10.13 -12.04 10.63
CA VAL B 97 -11.33 -11.24 10.56
C VAL B 97 -12.45 -11.81 11.42
N ARG B 98 -13.10 -10.97 12.21
CA ARG B 98 -14.27 -11.41 12.95
C ARG B 98 -15.39 -10.90 12.02
N TRP B 99 -15.63 -11.68 10.98
CA TRP B 99 -16.60 -11.40 9.91
C TRP B 99 -18.00 -10.96 10.32
N GLY B 100 -18.59 -11.57 11.35
CA GLY B 100 -19.90 -11.13 11.80
C GLY B 100 -21.12 -11.90 11.37
N PHE B 101 -20.99 -12.85 10.46
CA PHE B 101 -22.16 -13.65 10.04
C PHE B 101 -22.48 -14.65 11.15
N ILE B 102 -23.72 -14.64 11.59
CA ILE B 102 -24.14 -15.54 12.66
C ILE B 102 -24.95 -16.61 11.97
N PRO B 103 -24.35 -17.80 11.75
CA PRO B 103 -24.99 -18.95 11.09
C PRO B 103 -26.38 -19.30 11.58
N VAL B 104 -26.55 -19.46 12.90
CA VAL B 104 -27.85 -19.82 13.48
C VAL B 104 -28.93 -18.80 13.11
N ARG B 105 -28.53 -17.54 13.07
CA ARG B 105 -29.44 -16.45 12.77
C ARG B 105 -29.50 -16.17 11.29
N GLU B 106 -28.42 -16.54 10.60
CA GLU B 106 -28.26 -16.28 9.20
C GLU B 106 -28.34 -14.77 8.97
N ASP B 107 -27.84 -14.02 9.95
CA ASP B 107 -27.81 -12.56 9.88
C ASP B 107 -26.37 -12.09 10.14
N TYR B 108 -26.16 -10.79 10.11
CA TYR B 108 -24.85 -10.23 10.28
C TYR B 108 -24.68 -9.22 11.36
N VAL B 109 -23.47 -9.20 11.89
CA VAL B 109 -23.05 -8.29 12.93
C VAL B 109 -21.84 -7.66 12.22
N LEU B 110 -21.40 -6.50 12.68
CA LEU B 110 -20.27 -5.78 12.09
C LEU B 110 -18.98 -6.59 11.99
N ASP B 111 -18.25 -6.39 10.90
CA ASP B 111 -16.97 -7.06 10.69
C ASP B 111 -15.84 -6.24 11.34
N TYR B 112 -14.89 -6.93 11.96
CA TYR B 112 -13.72 -6.30 12.56
C TYR B 112 -12.55 -7.03 11.98
N TRP B 113 -11.53 -6.29 11.54
CA TRP B 113 -10.36 -6.87 10.87
C TRP B 113 -9.09 -6.66 11.69
N GLY B 114 -8.12 -7.58 11.59
CA GLY B 114 -6.87 -7.35 12.29
C GLY B 114 -6.12 -6.42 11.38
N GLN B 115 -5.00 -5.83 11.80
CA GLN B 115 -4.26 -4.93 10.90
C GLN B 115 -3.47 -5.62 9.79
N GLY B 116 -3.30 -6.93 9.88
CA GLY B 116 -2.59 -7.69 8.87
C GLY B 116 -1.16 -7.96 9.27
N THR B 117 -0.66 -9.14 8.88
CA THR B 117 0.71 -9.53 9.14
C THR B 117 1.34 -9.84 7.81
N LEU B 118 2.38 -9.09 7.50
CA LEU B 118 3.10 -9.24 6.25
C LEU B 118 4.20 -10.28 6.46
N VAL B 119 4.16 -11.32 5.65
CA VAL B 119 5.11 -12.43 5.71
C VAL B 119 5.98 -12.35 4.46
N THR B 120 7.29 -12.32 4.64
CA THR B 120 8.22 -12.31 3.52
C THR B 120 8.97 -13.62 3.63
N VAL B 121 8.85 -14.46 2.61
CA VAL B 121 9.52 -15.74 2.59
C VAL B 121 10.73 -15.56 1.68
N SER B 122 11.92 -15.56 2.24
CA SER B 122 13.10 -15.36 1.44
C SER B 122 14.28 -15.93 2.18
N SER B 123 15.36 -16.16 1.47
CA SER B 123 16.56 -16.64 2.10
C SER B 123 17.54 -15.47 2.12
N ALA B 124 17.10 -14.31 1.65
CA ALA B 124 17.95 -13.12 1.67
C ALA B 124 18.20 -12.77 3.12
N LYS B 125 19.37 -12.25 3.40
CA LYS B 125 19.73 -11.89 4.77
C LYS B 125 19.40 -10.46 5.11
N THR B 126 19.12 -10.28 6.39
CA THR B 126 18.80 -8.99 6.94
C THR B 126 19.95 -7.97 6.75
N THR B 127 19.59 -6.80 6.27
CA THR B 127 20.56 -5.76 6.00
C THR B 127 20.04 -4.38 6.40
N ALA B 128 20.88 -3.68 7.16
CA ALA B 128 20.62 -2.34 7.66
C ALA B 128 20.71 -1.35 6.49
N PRO B 129 19.91 -0.26 6.53
CA PRO B 129 19.98 0.69 5.44
C PRO B 129 20.96 1.82 5.65
N SER B 130 21.28 2.49 4.56
CA SER B 130 22.17 3.65 4.56
C SER B 130 21.17 4.79 4.36
N VAL B 131 21.28 5.83 5.17
CA VAL B 131 20.37 6.98 5.12
C VAL B 131 21.12 8.21 4.64
N TYR B 132 20.68 8.80 3.54
CA TYR B 132 21.35 9.97 3.00
C TYR B 132 20.44 11.16 2.96
N PRO B 133 20.96 12.32 3.33
CA PRO B 133 20.18 13.57 3.34
C PRO B 133 20.11 14.15 1.93
N LEU B 134 18.96 14.69 1.54
CA LEU B 134 18.84 15.29 0.23
C LEU B 134 18.53 16.79 0.38
N ALA B 135 19.54 17.64 0.20
CA ALA B 135 19.38 19.12 0.25
C ALA B 135 19.53 19.59 -1.20
N PRO B 136 18.77 20.62 -1.58
CA PRO B 136 18.81 21.17 -2.95
C PRO B 136 20.10 21.80 -3.45
N VAL B 137 20.36 21.62 -4.74
CA VAL B 137 21.52 22.21 -5.41
C VAL B 137 20.99 23.04 -6.59
N CYS B 138 19.87 22.59 -7.15
CA CYS B 138 19.20 23.28 -8.26
C CYS B 138 17.71 23.03 -8.13
N GLY B 139 17.33 21.75 -8.13
CA GLY B 139 15.92 21.42 -7.97
C GLY B 139 15.62 21.67 -6.52
N ASP B 140 14.68 22.58 -6.26
CA ASP B 140 14.37 22.96 -4.89
C ASP B 140 13.01 23.64 -4.66
N THR B 141 12.65 24.51 -5.60
CA THR B 141 11.45 25.36 -5.61
C THR B 141 12.06 26.74 -5.32
N THR B 142 12.97 26.75 -4.33
CA THR B 142 13.73 27.92 -3.88
C THR B 142 12.95 29.02 -3.17
N GLY B 143 12.38 29.95 -3.94
CA GLY B 143 11.62 31.07 -3.39
C GLY B 143 10.22 30.67 -2.96
N SER B 144 9.83 31.12 -1.75
CA SER B 144 8.54 30.82 -1.12
C SER B 144 8.60 29.49 -0.38
N SER B 145 8.97 28.41 -1.09
CA SER B 145 9.07 27.11 -0.46
C SER B 145 10.28 26.32 -0.95
N VAL B 146 10.71 25.36 -0.15
CA VAL B 146 11.84 24.52 -0.47
C VAL B 146 11.50 23.08 -0.13
N THR B 147 12.01 22.14 -0.93
CA THR B 147 11.79 20.74 -0.64
C THR B 147 13.08 19.95 -0.43
N LEU B 148 13.09 19.25 0.68
CA LEU B 148 14.22 18.43 1.09
C LEU B 148 13.84 16.99 0.94
N GLY B 149 14.82 16.12 1.08
CA GLY B 149 14.56 14.71 0.93
C GLY B 149 15.43 13.81 1.77
N CYS B 150 15.07 12.54 1.76
CA CYS B 150 15.76 11.53 2.52
C CYS B 150 15.74 10.27 1.70
N LEU B 151 16.92 9.70 1.48
CA LEU B 151 17.05 8.48 0.69
C LEU B 151 17.45 7.37 1.64
N VAL B 152 16.72 6.28 1.64
CA VAL B 152 17.01 5.15 2.51
C VAL B 152 17.33 4.00 1.59
N LYS B 153 18.58 3.63 1.44
CA LYS B 153 18.78 2.52 0.52
C LYS B 153 19.60 1.32 0.95
N GLY B 154 19.36 0.20 0.30
CA GLY B 154 20.09 -1.00 0.61
C GLY B 154 19.68 -1.74 1.89
N TYR B 155 18.41 -1.97 2.08
CA TYR B 155 18.02 -2.67 3.29
C TYR B 155 17.15 -3.88 3.03
N PHE B 156 17.09 -4.77 4.01
CA PHE B 156 16.24 -5.94 3.87
C PHE B 156 16.06 -6.51 5.27
N PRO B 157 14.83 -6.91 5.59
CA PRO B 157 13.60 -6.88 4.79
C PRO B 157 12.77 -5.65 5.11
N GLU B 158 11.59 -5.59 4.51
CA GLU B 158 10.67 -4.51 4.84
C GLU B 158 10.09 -4.89 6.23
N PRO B 159 9.58 -3.92 7.00
CA PRO B 159 9.51 -2.49 6.65
C PRO B 159 10.54 -1.61 7.32
N VAL B 160 10.49 -0.35 6.96
CA VAL B 160 11.34 0.68 7.52
C VAL B 160 10.31 1.74 7.95
N THR B 161 10.60 2.53 8.97
CA THR B 161 9.70 3.58 9.41
C THR B 161 10.47 4.89 9.21
N LEU B 162 9.86 5.84 8.50
CA LEU B 162 10.48 7.14 8.23
C LEU B 162 9.58 8.32 8.67
N THR B 163 10.14 9.26 9.43
CA THR B 163 9.36 10.41 9.84
C THR B 163 10.27 11.60 9.75
N TRP B 164 9.67 12.78 9.84
CA TRP B 164 10.39 14.03 9.80
C TRP B 164 10.15 14.71 11.13
N ASN B 165 11.23 15.09 11.80
CA ASN B 165 11.13 15.77 13.09
C ASN B 165 10.26 14.96 14.05
N SER B 166 10.51 13.66 14.08
CA SER B 166 9.77 12.69 14.92
C SER B 166 8.30 12.52 14.56
N GLY B 167 7.89 13.14 13.44
CA GLY B 167 6.51 13.04 12.99
C GLY B 167 5.78 14.34 13.23
N SER B 168 6.48 15.33 13.79
CA SER B 168 5.84 16.62 14.03
C SER B 168 5.63 17.32 12.69
N LEU B 169 6.43 16.93 11.69
CA LEU B 169 6.28 17.49 10.33
C LEU B 169 5.53 16.46 9.53
N SER B 170 4.24 16.67 9.31
CA SER B 170 3.43 15.71 8.57
C SER B 170 2.83 16.24 7.27
N SER B 171 2.56 17.54 7.21
CA SER B 171 2.01 18.10 5.97
C SER B 171 3.13 18.33 4.99
N GLY B 172 2.81 18.23 3.71
CA GLY B 172 3.84 18.45 2.71
C GLY B 172 4.88 17.35 2.58
N VAL B 173 4.63 16.17 3.16
CA VAL B 173 5.59 15.11 3.02
C VAL B 173 5.01 13.97 2.17
N HIS B 174 5.86 13.34 1.36
CA HIS B 174 5.46 12.22 0.51
C HIS B 174 6.52 11.17 0.72
N THR B 175 6.10 9.99 1.20
CA THR B 175 7.02 8.88 1.42
C THR B 175 6.66 7.89 0.34
N PHE B 176 7.64 7.55 -0.50
CA PHE B 176 7.40 6.65 -1.60
C PHE B 176 7.61 5.17 -1.24
N PRO B 177 6.72 4.32 -1.75
CA PRO B 177 6.75 2.86 -1.54
C PRO B 177 8.11 2.30 -1.88
N ALA B 178 8.64 1.43 -1.02
CA ALA B 178 9.93 0.79 -1.24
C ALA B 178 9.92 -0.08 -2.50
N VAL B 179 11.06 -0.10 -3.19
CA VAL B 179 11.23 -0.88 -4.40
C VAL B 179 12.38 -1.80 -4.15
N LEU B 180 12.18 -3.08 -4.41
CA LEU B 180 13.18 -4.11 -4.23
C LEU B 180 13.98 -4.24 -5.51
N GLN B 181 15.29 -4.20 -5.38
CA GLN B 181 16.22 -4.39 -6.48
C GLN B 181 17.40 -5.21 -5.96
N SER B 182 17.56 -6.40 -6.52
CA SER B 182 18.62 -7.33 -6.14
C SER B 182 18.68 -7.67 -4.64
N ASP B 183 17.52 -8.10 -4.13
CA ASP B 183 17.35 -8.46 -2.72
C ASP B 183 17.59 -7.34 -1.74
N LEU B 184 17.48 -6.10 -2.20
CA LEU B 184 17.66 -4.94 -1.34
C LEU B 184 16.62 -3.89 -1.70
N TYR B 185 16.15 -3.15 -0.70
CA TYR B 185 15.13 -2.13 -0.92
C TYR B 185 15.68 -0.72 -0.92
N THR B 186 14.91 0.16 -1.56
CA THR B 186 15.20 1.57 -1.60
C THR B 186 13.89 2.31 -1.36
N LEU B 187 13.94 3.33 -0.51
CA LEU B 187 12.78 4.13 -0.21
C LEU B 187 13.22 5.61 -0.11
N SER B 188 12.37 6.54 -0.52
CA SER B 188 12.72 7.95 -0.42
C SER B 188 11.52 8.72 0.09
N SER B 189 11.76 9.92 0.58
CA SER B 189 10.68 10.73 1.11
C SER B 189 11.06 12.16 0.87
N SER B 190 10.09 13.02 0.61
CA SER B 190 10.39 14.45 0.43
C SER B 190 9.56 15.23 1.43
N VAL B 191 10.05 16.40 1.81
CA VAL B 191 9.30 17.28 2.69
C VAL B 191 9.45 18.70 2.13
N THR B 192 8.33 19.39 1.96
CA THR B 192 8.37 20.74 1.45
C THR B 192 8.01 21.66 2.61
N VAL B 193 8.87 22.62 2.92
CA VAL B 193 8.61 23.60 3.98
C VAL B 193 8.86 24.98 3.36
N THR B 194 8.56 26.04 4.09
CA THR B 194 8.78 27.38 3.56
C THR B 194 10.25 27.76 3.64
N SER B 195 10.65 28.74 2.83
CA SER B 195 12.01 29.22 2.84
C SER B 195 12.40 29.80 4.21
N SER B 196 11.41 30.23 4.98
CA SER B 196 11.65 30.83 6.28
C SER B 196 11.88 29.80 7.39
N THR B 197 11.44 28.58 7.15
CA THR B 197 11.58 27.52 8.12
C THR B 197 13.00 26.98 8.04
N TRP B 198 13.38 26.45 6.87
CA TRP B 198 14.69 25.88 6.71
C TRP B 198 15.49 26.80 5.79
N PRO B 199 16.79 26.99 6.05
CA PRO B 199 17.71 26.49 7.08
C PRO B 199 17.57 27.05 8.50
N SER B 200 16.82 28.13 8.67
CA SER B 200 16.65 28.76 9.99
C SER B 200 16.57 27.75 11.11
N GLN B 201 15.71 26.75 10.94
CA GLN B 201 15.52 25.72 11.95
C GLN B 201 15.96 24.32 11.49
N SER B 202 15.92 23.39 12.43
CA SER B 202 16.38 22.03 12.19
C SER B 202 15.32 21.13 11.59
N ILE B 203 15.71 20.36 10.58
CA ILE B 203 14.83 19.40 9.93
C ILE B 203 15.62 18.11 9.82
N THR B 204 15.13 17.08 10.51
CA THR B 204 15.75 15.80 10.56
C THR B 204 14.85 14.71 10.03
N CYS B 205 15.48 13.70 9.46
CA CYS B 205 14.80 12.56 8.91
C CYS B 205 15.08 11.43 9.93
N ASN B 206 14.03 10.79 10.44
CA ASN B 206 14.18 9.74 11.44
C ASN B 206 13.87 8.44 10.74
N VAL B 207 14.81 7.50 10.77
CA VAL B 207 14.60 6.24 10.10
C VAL B 207 14.81 5.08 11.07
N ALA B 208 13.87 4.14 11.07
CA ALA B 208 13.98 2.97 11.95
C ALA B 208 13.76 1.69 11.14
N HIS B 209 14.58 0.70 11.42
CA HIS B 209 14.49 -0.59 10.75
C HIS B 209 14.64 -1.63 11.87
N PRO B 210 13.53 -1.98 12.51
CA PRO B 210 13.56 -2.94 13.61
C PRO B 210 14.18 -4.29 13.30
N ALA B 211 14.06 -4.75 12.05
CA ALA B 211 14.63 -6.03 11.67
C ALA B 211 16.11 -6.10 11.97
N SER B 212 16.76 -4.94 11.91
CA SER B 212 18.19 -4.89 12.16
C SER B 212 18.52 -4.10 13.41
N SER B 213 17.51 -3.66 14.17
CA SER B 213 17.74 -2.86 15.37
C SER B 213 18.48 -1.58 14.98
N THR B 214 18.01 -0.93 13.92
CA THR B 214 18.65 0.27 13.43
C THR B 214 17.74 1.41 13.70
N LYS B 215 18.33 2.53 14.11
CA LYS B 215 17.61 3.75 14.36
C LYS B 215 18.59 4.88 14.10
N VAL B 216 18.43 5.60 13.00
CA VAL B 216 19.34 6.67 12.66
C VAL B 216 18.57 7.97 12.45
N ASP B 217 19.24 9.09 12.70
CA ASP B 217 18.64 10.40 12.50
C ASP B 217 19.60 11.21 11.65
N LYS B 218 19.11 11.70 10.51
CA LYS B 218 19.92 12.52 9.60
C LYS B 218 19.36 13.93 9.43
N LYS B 219 20.15 14.90 9.86
CA LYS B 219 19.81 16.29 9.79
C LYS B 219 20.11 16.71 8.36
N ILE B 220 19.19 17.46 7.76
CA ILE B 220 19.36 17.98 6.40
C ILE B 220 20.00 19.37 6.51
N GLU B 221 21.29 19.47 6.24
CA GLU B 221 22.00 20.74 6.31
C GLU B 221 22.26 21.29 4.91
N PRO B 222 22.35 22.62 4.77
CA PRO B 222 22.60 23.29 3.48
C PRO B 222 23.97 22.95 2.84
#